data_2ZTB
#
_entry.id   2ZTB
#
_cell.length_a   136.829
_cell.length_b   136.829
_cell.length_c   119.268
_cell.angle_alpha   90.00
_cell.angle_beta   90.00
_cell.angle_gamma   120.00
#
_symmetry.space_group_name_H-M   'P 65'
#
loop_
_entity.id
_entity.type
_entity.pdbx_description
1 polymer 'Crystal protein'
2 non-polymer 'LUTETIUM (III) ION'
3 non-polymer GLYCEROL
4 non-polymer 1,2-ETHANEDIOL
5 non-polymer 'CHLORIDE ION'
6 water water
#
_entity_poly.entity_id   1
_entity_poly.type   'polypeptide(L)'
_entity_poly.pdbx_seq_one_letter_code
;MDVIREYLMFNELSALSSSPESVRSRFSSIYGTNPDGIALNNETYFNAVKPPITAQYGYYCYKNVGTVQYVNRPTDINPN
VILAQDTLTNNTNEPFTTTITITGSFTNTSTVTSSTTTGFKFTSKLSIKKVFEIGGEVSFSTTIGTSETTTETITVSKSV
TVTVPAQSRRTIQLTAKIAKESADFSAPITVDGYFGANFPKRVGPGGHYFWFNPARDVLNTTSGTLRGTVTNVSSFDFQT
IVQPARSLLDEQ
;
_entity_poly.pdbx_strand_id   A,B
#
# COMPACT_ATOMS: atom_id res chain seq x y z
N ASP A 2 -16.92 22.44 13.54
CA ASP A 2 -16.80 23.83 14.09
C ASP A 2 -18.05 24.29 14.87
N VAL A 3 -17.84 25.18 15.86
CA VAL A 3 -18.94 25.77 16.64
C VAL A 3 -19.36 27.13 16.07
N ILE A 4 -20.42 27.12 15.26
CA ILE A 4 -20.88 28.31 14.56
C ILE A 4 -22.10 28.90 15.26
N ARG A 5 -22.15 30.22 15.35
CA ARG A 5 -23.27 30.93 15.96
C ARG A 5 -23.41 32.29 15.32
N GLU A 6 -24.45 32.46 14.52
CA GLU A 6 -24.67 33.74 13.85
C GLU A 6 -26.13 34.11 13.83
N TYR A 7 -26.40 35.35 13.44
CA TYR A 7 -27.75 35.86 13.34
C TYR A 7 -28.57 35.07 12.33
N LEU A 8 -29.85 34.91 12.65
CA LEU A 8 -30.81 34.39 11.70
C LEU A 8 -31.28 35.57 10.87
N MET A 9 -31.43 35.37 9.56
CA MET A 9 -31.85 36.43 8.66
C MET A 9 -33.26 36.13 8.12
N PHE A 10 -33.98 37.17 7.67
CA PHE A 10 -35.31 36.99 7.08
C PHE A 10 -35.32 36.13 5.81
N ASN A 11 -34.23 36.17 5.03
CA ASN A 11 -34.15 35.41 3.79
C ASN A 11 -33.81 33.94 3.99
N GLU A 12 -33.72 33.55 5.26
CA GLU A 12 -33.45 32.17 5.68
C GLU A 12 -34.65 31.52 6.38
N LEU A 13 -35.74 32.27 6.55
CA LEU A 13 -36.94 31.75 7.20
C LEU A 13 -37.50 30.50 6.53
N SER A 14 -37.38 30.43 5.20
CA SER A 14 -37.72 29.22 4.44
C SER A 14 -36.94 27.99 4.88
N ALA A 15 -35.74 28.21 5.43
CA ALA A 15 -34.89 27.15 5.97
C ALA A 15 -35.50 26.57 7.25
N LEU A 16 -36.34 27.34 7.92
CA LEU A 16 -37.15 26.88 9.05
C LEU A 16 -38.61 26.63 8.60
N SER A 17 -38.79 26.34 7.32
CA SER A 17 -40.10 26.07 6.76
C SER A 17 -41.11 27.19 7.00
N SER A 18 -40.58 28.39 7.21
CA SER A 18 -41.42 29.53 7.52
C SER A 18 -41.22 30.72 6.58
N SER A 19 -41.91 31.82 6.91
CA SER A 19 -41.95 33.00 6.08
C SER A 19 -42.23 34.20 6.98
N PRO A 20 -41.92 35.42 6.52
CA PRO A 20 -42.36 36.56 7.32
C PRO A 20 -43.87 36.58 7.53
N GLU A 21 -44.62 36.12 6.54
CA GLU A 21 -46.08 36.12 6.62
C GLU A 21 -46.57 35.14 7.65
N SER A 22 -45.90 34.00 7.77
CA SER A 22 -46.34 32.99 8.69
C SER A 22 -45.99 33.37 10.12
N VAL A 23 -44.89 34.11 10.30
CA VAL A 23 -44.46 34.68 11.59
C VAL A 23 -45.45 35.76 12.03
N ARG A 24 -45.78 36.66 11.12
CA ARG A 24 -46.76 37.69 11.40
C ARG A 24 -48.11 37.09 11.84
N SER A 25 -48.53 36.02 11.17
CA SER A 25 -49.82 35.35 11.44
C SER A 25 -49.84 34.67 12.81
N ARG A 26 -48.69 34.14 13.22
CA ARG A 26 -48.52 33.57 14.54
C ARG A 26 -48.63 34.64 15.65
N PHE A 27 -48.00 35.80 15.45
CA PHE A 27 -48.11 36.95 16.36
C PHE A 27 -49.56 37.40 16.46
N SER A 28 -50.23 37.46 15.31
CA SER A 28 -51.65 37.75 15.26
C SER A 28 -52.50 36.81 16.10
N SER A 29 -52.22 35.50 16.01
CA SER A 29 -52.93 34.52 16.83
C SER A 29 -52.61 34.69 18.30
N ILE A 30 -51.35 34.96 18.63
CA ILE A 30 -50.92 35.04 20.02
C ILE A 30 -51.56 36.24 20.74
N TYR A 31 -51.62 37.38 20.06
CA TYR A 31 -51.99 38.63 20.70
C TYR A 31 -53.39 39.07 20.35
N GLY A 32 -53.97 38.46 19.32
CA GLY A 32 -55.37 38.68 18.95
C GLY A 32 -55.55 39.87 18.00
N THR A 33 -54.45 40.46 17.55
CA THR A 33 -54.46 41.58 16.62
C THR A 33 -53.28 41.37 15.69
N ASN A 34 -53.49 41.59 14.41
CA ASN A 34 -52.43 41.47 13.42
C ASN A 34 -51.41 42.59 13.68
N PRO A 35 -50.12 42.25 13.89
CA PRO A 35 -49.19 43.36 14.09
C PRO A 35 -48.98 44.17 12.80
N ASP A 36 -48.61 45.43 12.97
CA ASP A 36 -48.26 46.28 11.86
C ASP A 36 -46.98 45.78 11.20
N GLY A 37 -46.03 45.36 12.01
CA GLY A 37 -44.75 44.89 11.50
C GLY A 37 -44.08 43.92 12.45
N ILE A 38 -43.00 43.31 11.97
CA ILE A 38 -42.24 42.31 12.73
C ILE A 38 -40.75 42.65 12.61
N ALA A 39 -39.92 42.00 13.43
CA ALA A 39 -38.51 42.34 13.52
C ALA A 39 -37.68 41.14 13.92
N LEU A 40 -36.44 41.10 13.41
CA LEU A 40 -35.48 40.04 13.67
C LEU A 40 -34.14 40.70 13.68
N ASN A 41 -33.44 40.58 14.80
CA ASN A 41 -32.09 41.14 14.92
C ASN A 41 -32.05 42.59 14.38
N ASN A 42 -31.35 42.85 13.28
CA ASN A 42 -31.29 44.20 12.70
C ASN A 42 -32.21 44.51 11.50
N GLU A 43 -33.18 43.64 11.26
CA GLU A 43 -34.11 43.78 10.14
C GLU A 43 -35.54 43.90 10.65
N THR A 44 -36.41 44.42 9.79
CA THR A 44 -37.83 44.53 10.05
C THR A 44 -38.57 44.02 8.82
N TYR A 45 -39.85 43.70 8.98
CA TYR A 45 -40.71 43.35 7.87
C TYR A 45 -42.07 44.03 8.05
N PHE A 46 -42.74 44.32 6.94
CA PHE A 46 -44.05 44.98 6.91
C PHE A 46 -43.97 46.40 7.51
N ASN A 47 -45.08 46.88 8.09
CA ASN A 47 -45.17 48.25 8.62
C ASN A 47 -44.54 48.36 10.01
N ALA A 48 -43.21 48.42 10.05
CA ALA A 48 -42.47 48.29 11.30
C ALA A 48 -41.84 49.57 11.85
N VAL A 49 -41.61 49.57 13.17
CA VAL A 49 -40.85 50.61 13.86
C VAL A 49 -39.37 50.46 13.53
N LYS A 50 -38.71 51.59 13.24
CA LYS A 50 -37.27 51.68 13.03
C LYS A 50 -36.61 52.54 14.11
N PRO A 51 -35.43 52.14 14.61
CA PRO A 51 -34.73 50.88 14.33
C PRO A 51 -35.47 49.66 14.91
N PRO A 52 -35.21 48.45 14.36
CA PRO A 52 -35.86 47.24 14.83
C PRO A 52 -35.93 47.15 16.35
N ILE A 53 -37.12 46.91 16.89
CA ILE A 53 -37.34 46.88 18.34
C ILE A 53 -36.54 45.76 19.00
N THR A 54 -36.09 44.81 18.18
CA THR A 54 -35.30 43.69 18.66
C THR A 54 -33.88 44.14 19.03
N ALA A 55 -33.32 45.08 18.26
CA ALA A 55 -32.03 45.68 18.61
C ALA A 55 -32.22 46.72 19.73
N GLN A 56 -33.19 47.62 19.56
CA GLN A 56 -33.52 48.58 20.64
C GLN A 56 -33.58 47.88 22.01
N TYR A 57 -34.39 46.79 22.07
CA TYR A 57 -34.68 46.16 23.34
C TYR A 57 -33.83 44.94 23.67
N GLY A 58 -32.86 44.62 22.71
CA GLY A 58 -31.87 43.58 23.00
C GLY A 58 -32.37 42.16 22.94
N TYR A 59 -33.22 41.89 21.97
CA TYR A 59 -33.75 40.54 21.73
C TYR A 59 -33.23 40.04 20.39
N TYR A 60 -32.29 39.09 20.43
CA TYR A 60 -31.64 38.58 19.22
C TYR A 60 -32.03 37.14 18.93
N CYS A 61 -31.65 36.66 17.76
CA CYS A 61 -32.00 35.32 17.32
C CYS A 61 -30.88 34.74 16.43
N TYR A 62 -30.44 33.55 16.79
CA TYR A 62 -29.25 32.95 16.22
C TYR A 62 -29.54 31.60 15.63
N LYS A 63 -28.84 31.29 14.54
CA LYS A 63 -28.70 29.93 14.02
C LYS A 63 -27.31 29.42 14.43
N ASN A 64 -27.24 28.11 14.69
CA ASN A 64 -26.07 27.47 15.26
C ASN A 64 -25.81 26.16 14.53
N VAL A 65 -24.53 25.83 14.37
CA VAL A 65 -24.12 24.50 13.93
C VAL A 65 -23.57 23.81 15.16
N GLY A 66 -24.02 22.58 15.41
CA GLY A 66 -23.52 21.82 16.54
C GLY A 66 -22.27 21.05 16.15
N THR A 67 -21.93 20.05 16.95
CA THR A 67 -20.74 19.26 16.74
C THR A 67 -20.94 18.36 15.54
N VAL A 68 -19.95 18.39 14.65
CA VAL A 68 -19.89 17.57 13.45
C VAL A 68 -19.61 16.12 13.83
N GLN A 69 -20.46 15.19 13.39
CA GLN A 69 -20.20 13.77 13.58
C GLN A 69 -19.84 13.15 12.24
N TYR A 70 -18.80 12.34 12.23
CA TYR A 70 -18.29 11.71 11.01
C TYR A 70 -18.66 10.22 11.00
N VAL A 71 -18.95 9.72 9.80
CA VAL A 71 -19.21 8.30 9.60
C VAL A 71 -18.41 7.85 8.39
N ASN A 72 -17.52 6.90 8.60
CA ASN A 72 -16.72 6.29 7.54
C ASN A 72 -17.57 5.58 6.50
N ARG A 73 -17.25 5.80 5.23
CA ARG A 73 -17.84 5.06 4.12
C ARG A 73 -16.85 3.98 3.70
N PRO A 74 -17.33 2.86 3.14
CA PRO A 74 -16.37 1.86 2.63
C PRO A 74 -15.40 2.47 1.63
N THR A 75 -14.13 2.08 1.74
CA THR A 75 -13.05 2.53 0.87
C THR A 75 -13.11 1.79 -0.46
N ASP A 76 -13.07 2.51 -1.57
CA ASP A 76 -13.03 1.87 -2.90
C ASP A 76 -11.61 1.83 -3.45
N ILE A 77 -11.16 0.63 -3.80
CA ILE A 77 -9.79 0.42 -4.25
C ILE A 77 -9.73 -0.02 -5.72
N ASN A 78 -9.22 0.86 -6.56
CA ASN A 78 -8.86 0.58 -7.96
C ASN A 78 -7.55 -0.21 -7.98
N PRO A 79 -7.63 -1.55 -8.20
CA PRO A 79 -6.55 -2.49 -7.90
C PRO A 79 -5.34 -2.46 -8.84
N ASN A 80 -5.43 -1.76 -9.96
CA ASN A 80 -4.30 -1.69 -10.92
C ASN A 80 -4.39 -0.45 -11.77
N VAL A 81 -3.30 0.31 -11.79
CA VAL A 81 -3.21 1.54 -12.54
C VAL A 81 -1.74 1.66 -12.96
N ILE A 82 -1.51 1.83 -14.25
CA ILE A 82 -0.16 2.05 -14.77
C ILE A 82 0.20 3.53 -14.62
N LEU A 83 1.23 3.79 -13.83
CA LEU A 83 1.72 5.16 -13.63
C LEU A 83 2.86 5.50 -14.57
N ALA A 84 3.58 4.48 -15.02
CA ALA A 84 4.69 4.68 -15.94
C ALA A 84 4.89 3.40 -16.70
N GLN A 85 5.39 3.52 -17.93
CA GLN A 85 5.68 2.39 -18.76
C GLN A 85 6.82 2.71 -19.72
N ASP A 86 7.81 1.82 -19.75
CA ASP A 86 9.00 1.98 -20.57
C ASP A 86 9.34 0.65 -21.24
N THR A 87 9.79 0.73 -22.48
CA THR A 87 10.17 -0.46 -23.22
C THR A 87 11.64 -0.38 -23.57
N LEU A 88 12.37 -1.46 -23.28
CA LEU A 88 13.77 -1.60 -23.69
C LEU A 88 13.85 -2.46 -24.94
N THR A 89 14.49 -1.93 -25.98
CA THR A 89 14.65 -2.68 -27.23
C THR A 89 16.11 -3.14 -27.40
N ASN A 90 16.28 -4.44 -27.67
CA ASN A 90 17.59 -5.01 -27.96
C ASN A 90 17.72 -5.35 -29.44
N ASN A 91 18.42 -4.50 -30.17
CA ASN A 91 18.59 -4.65 -31.62
C ASN A 91 19.86 -5.41 -32.00
N THR A 92 20.53 -5.99 -31.01
CA THR A 92 21.78 -6.73 -31.24
C THR A 92 21.57 -8.24 -31.16
N ASN A 93 22.60 -9.00 -31.51
CA ASN A 93 22.54 -10.46 -31.50
C ASN A 93 22.90 -11.04 -30.13
N GLU A 94 23.30 -10.17 -29.21
CA GLU A 94 23.65 -10.56 -27.85
C GLU A 94 22.68 -9.93 -26.84
N PRO A 95 22.25 -10.70 -25.82
CA PRO A 95 21.48 -10.14 -24.72
C PRO A 95 22.29 -9.10 -23.96
N PHE A 96 21.62 -8.10 -23.38
CA PHE A 96 22.27 -7.21 -22.43
C PHE A 96 21.43 -7.03 -21.17
N THR A 97 22.10 -6.80 -20.04
CA THR A 97 21.39 -6.41 -18.83
C THR A 97 21.74 -4.97 -18.47
N THR A 98 20.74 -4.25 -17.98
CA THR A 98 20.88 -2.83 -17.70
C THR A 98 19.99 -2.39 -16.53
N THR A 99 20.47 -1.40 -15.79
CA THR A 99 19.70 -0.82 -14.70
C THR A 99 19.08 0.50 -15.17
N ILE A 100 17.76 0.55 -15.15
CA ILE A 100 17.04 1.75 -15.53
C ILE A 100 16.23 2.29 -14.35
N THR A 101 15.82 3.55 -14.48
CA THR A 101 14.93 4.18 -13.55
C THR A 101 13.61 4.50 -14.27
N ILE A 102 12.51 4.03 -13.70
CA ILE A 102 11.18 4.32 -14.20
C ILE A 102 10.48 5.28 -13.21
N THR A 103 9.85 6.33 -13.74
CA THR A 103 9.30 7.41 -12.95
C THR A 103 7.86 7.69 -13.34
N GLY A 104 7.00 7.86 -12.34
CA GLY A 104 5.62 8.27 -12.52
C GLY A 104 5.25 9.36 -11.51
N SER A 105 4.20 10.12 -11.81
CA SER A 105 3.58 10.97 -10.81
C SER A 105 2.07 10.87 -10.77
N PHE A 106 1.55 11.06 -9.57
CA PHE A 106 0.16 10.92 -9.29
C PHE A 106 -0.22 12.15 -8.49
N THR A 107 -1.36 12.74 -8.82
CA THR A 107 -1.84 13.90 -8.10
C THR A 107 -2.97 13.47 -7.16
N ASN A 108 -2.66 13.51 -5.86
CA ASN A 108 -3.63 13.18 -4.81
C ASN A 108 -4.63 14.30 -4.73
N THR A 109 -5.92 13.96 -4.56
CA THR A 109 -6.93 14.99 -4.29
C THR A 109 -7.62 14.76 -2.95
N SER A 110 -7.93 15.87 -2.29
CA SER A 110 -8.81 15.88 -1.11
C SER A 110 -9.97 16.81 -1.38
N THR A 111 -11.19 16.29 -1.27
CA THR A 111 -12.40 17.05 -1.60
C THR A 111 -13.35 17.16 -0.38
N VAL A 112 -13.82 18.38 -0.09
CA VAL A 112 -14.94 18.58 0.86
C VAL A 112 -16.20 19.09 0.11
N THR A 113 -17.37 18.65 0.56
CA THR A 113 -18.66 19.15 0.10
C THR A 113 -19.62 19.19 1.29
N SER A 114 -20.49 20.19 1.32
CA SER A 114 -21.47 20.32 2.41
C SER A 114 -22.70 20.99 1.92
N SER A 115 -23.76 20.86 2.71
CA SER A 115 -25.05 21.45 2.41
C SER A 115 -25.89 21.41 3.68
N THR A 116 -27.06 22.01 3.61
CA THR A 116 -28.06 21.84 4.67
C THR A 116 -29.31 21.38 3.96
N THR A 117 -30.15 20.67 4.69
CA THR A 117 -31.33 20.06 4.09
C THR A 117 -32.36 21.07 3.60
N THR A 118 -32.30 22.32 4.09
CA THR A 118 -33.35 23.33 3.80
C THR A 118 -32.82 24.70 3.33
N GLY A 119 -31.51 24.84 3.25
CA GLY A 119 -30.88 26.01 2.64
C GLY A 119 -30.57 27.19 3.55
N PHE A 120 -30.07 26.90 4.73
CA PHE A 120 -29.48 27.92 5.58
C PHE A 120 -28.35 28.64 4.86
N LYS A 121 -28.12 29.89 5.24
CA LYS A 121 -27.08 30.71 4.62
C LYS A 121 -26.06 31.12 5.66
N PHE A 122 -25.19 30.19 6.04
CA PHE A 122 -24.09 30.46 6.95
C PHE A 122 -22.92 31.15 6.28
N THR A 123 -22.38 32.13 6.98
CA THR A 123 -21.27 32.96 6.53
C THR A 123 -19.95 32.45 7.09
N SER A 124 -19.97 31.90 8.30
CA SER A 124 -18.74 31.43 8.93
C SER A 124 -18.27 30.09 8.41
N LYS A 125 -16.97 29.99 8.19
CA LYS A 125 -16.38 28.78 7.63
C LYS A 125 -16.57 27.61 8.60
N LEU A 126 -16.76 26.43 8.04
CA LEU A 126 -16.88 25.22 8.83
C LEU A 126 -15.56 24.45 8.80
N SER A 127 -15.07 24.08 9.98
CA SER A 127 -13.85 23.28 10.08
C SER A 127 -14.15 21.79 9.96
N ILE A 128 -13.52 21.18 8.97
CA ILE A 128 -13.64 19.75 8.70
C ILE A 128 -12.24 19.12 8.78
N LYS A 129 -12.11 18.11 9.65
CA LYS A 129 -10.86 17.38 9.82
C LYS A 129 -11.14 15.89 9.87
N LYS A 130 -10.43 15.13 9.06
CA LYS A 130 -10.57 13.68 9.04
C LYS A 130 -9.22 13.01 8.82
N VAL A 131 -8.89 12.03 9.67
CA VAL A 131 -7.70 11.21 9.44
C VAL A 131 -8.06 9.93 8.70
N PHE A 132 -7.56 9.81 7.47
CA PHE A 132 -7.78 8.63 6.65
C PHE A 132 -6.65 7.63 6.82
N GLU A 133 -6.99 6.34 6.87
CA GLU A 133 -6.01 5.26 7.03
C GLU A 133 -4.89 5.34 6.00
N ILE A 134 -5.28 5.39 4.73
CA ILE A 134 -4.33 5.42 3.62
C ILE A 134 -3.88 6.86 3.30
N GLY A 135 -4.84 7.76 3.12
CA GLY A 135 -4.53 9.12 2.73
C GLY A 135 -3.95 10.05 3.78
N GLY A 136 -4.15 9.74 5.05
CA GLY A 136 -3.64 10.59 6.12
C GLY A 136 -4.59 11.73 6.48
N GLU A 137 -4.06 12.72 7.20
CA GLU A 137 -4.87 13.81 7.71
C GLU A 137 -5.24 14.81 6.63
N VAL A 138 -6.53 15.14 6.61
CA VAL A 138 -7.12 16.13 5.71
C VAL A 138 -7.86 17.17 6.58
N SER A 139 -7.62 18.46 6.32
CA SER A 139 -8.43 19.50 6.95
C SER A 139 -8.91 20.57 5.96
N PHE A 140 -10.08 21.14 6.26
CA PHE A 140 -10.70 22.17 5.44
C PHE A 140 -11.36 23.24 6.33
N SER A 141 -11.29 24.48 5.88
CA SER A 141 -12.13 25.56 6.43
C SER A 141 -13.06 25.98 5.29
N THR A 142 -14.31 25.54 5.35
CA THR A 142 -15.16 25.57 4.17
C THR A 142 -16.48 26.32 4.35
N THR A 143 -16.91 27.02 3.30
CA THR A 143 -18.23 27.64 3.26
C THR A 143 -19.28 26.54 3.07
N ILE A 144 -20.21 26.48 4.01
CA ILE A 144 -21.31 25.52 3.96
C ILE A 144 -22.11 25.70 2.67
N GLY A 145 -22.34 24.58 1.97
CA GLY A 145 -23.08 24.60 0.72
C GLY A 145 -22.19 24.64 -0.49
N THR A 146 -20.87 24.49 -0.28
CA THR A 146 -19.90 24.55 -1.38
C THR A 146 -19.05 23.26 -1.50
N SER A 147 -18.25 23.19 -2.55
CA SER A 147 -17.28 22.11 -2.72
C SER A 147 -15.89 22.67 -2.97
N GLU A 148 -14.88 22.03 -2.38
CA GLU A 148 -13.47 22.40 -2.59
C GLU A 148 -12.62 21.16 -2.72
N THR A 149 -11.65 21.20 -3.63
CA THR A 149 -10.63 20.18 -3.78
C THR A 149 -9.24 20.81 -3.65
N THR A 150 -8.39 20.21 -2.83
CA THR A 150 -6.96 20.59 -2.77
C THR A 150 -6.11 19.45 -3.33
N THR A 151 -4.92 19.76 -3.82
CA THR A 151 -4.08 18.74 -4.44
C THR A 151 -2.67 18.70 -3.83
N GLU A 152 -2.04 17.53 -3.92
CA GLU A 152 -0.62 17.35 -3.63
C GLU A 152 -0.03 16.35 -4.62
N THR A 153 1.23 16.52 -5.01
CA THR A 153 1.87 15.69 -6.03
C THR A 153 2.80 14.63 -5.43
N ILE A 154 2.63 13.35 -5.81
CA ILE A 154 3.59 12.28 -5.45
C ILE A 154 4.34 11.82 -6.69
N THR A 155 5.67 11.97 -6.67
CA THR A 155 6.54 11.46 -7.71
C THR A 155 7.23 10.21 -7.17
N VAL A 156 7.17 9.12 -7.93
CA VAL A 156 7.77 7.85 -7.52
C VAL A 156 8.72 7.35 -8.61
N SER A 157 10.00 7.21 -8.27
CA SER A 157 10.99 6.57 -9.12
C SER A 157 11.41 5.23 -8.56
N LYS A 158 11.65 4.28 -9.46
CA LYS A 158 12.17 2.97 -9.08
C LYS A 158 13.26 2.55 -10.03
N SER A 159 14.41 2.17 -9.48
CA SER A 159 15.47 1.56 -10.28
C SER A 159 15.14 0.07 -10.42
N VAL A 160 15.48 -0.50 -11.57
CA VAL A 160 15.24 -1.91 -11.84
C VAL A 160 16.30 -2.45 -12.82
N THR A 161 16.81 -3.64 -12.53
CA THR A 161 17.81 -4.29 -13.36
C THR A 161 17.14 -5.34 -14.23
N VAL A 162 17.30 -5.21 -15.54
CA VAL A 162 16.61 -6.11 -16.48
C VAL A 162 17.53 -6.64 -17.60
N THR A 163 17.36 -7.92 -17.90
CA THR A 163 18.04 -8.56 -19.03
C THR A 163 17.06 -8.65 -20.19
N VAL A 164 17.47 -8.14 -21.34
CA VAL A 164 16.66 -8.28 -22.55
C VAL A 164 17.39 -9.17 -23.55
N PRO A 165 16.78 -10.34 -23.86
CA PRO A 165 17.35 -11.32 -24.80
C PRO A 165 17.64 -10.76 -26.18
N ALA A 166 18.34 -11.57 -26.99
CA ALA A 166 18.92 -11.18 -28.27
C ALA A 166 18.09 -10.24 -29.13
N GLN A 167 17.01 -10.73 -29.73
CA GLN A 167 16.26 -9.95 -30.72
C GLN A 167 14.87 -9.69 -30.22
N SER A 168 14.78 -8.82 -29.23
CA SER A 168 13.53 -8.63 -28.49
C SER A 168 13.42 -7.28 -27.81
N ARG A 169 12.19 -6.99 -27.39
CA ARG A 169 11.90 -5.86 -26.53
C ARG A 169 11.34 -6.38 -25.21
N ARG A 170 11.42 -5.56 -24.18
CA ARG A 170 10.92 -5.92 -22.86
C ARG A 170 10.34 -4.69 -22.18
N THR A 171 9.06 -4.78 -21.79
CA THR A 171 8.32 -3.70 -21.16
C THR A 171 8.39 -3.74 -19.62
N ILE A 172 8.58 -2.57 -19.03
CA ILE A 172 8.60 -2.38 -17.57
C ILE A 172 7.52 -1.36 -17.21
N GLN A 173 6.70 -1.69 -16.22
CA GLN A 173 5.66 -0.77 -15.75
C GLN A 173 5.84 -0.41 -14.30
N LEU A 174 5.44 0.82 -13.95
CA LEU A 174 5.24 1.21 -12.57
C LEU A 174 3.75 1.22 -12.34
N THR A 175 3.30 0.43 -11.37
CA THR A 175 1.87 0.32 -11.10
C THR A 175 1.53 0.70 -9.67
N ALA A 176 0.28 1.08 -9.45
CA ALA A 176 -0.21 1.41 -8.12
C ALA A 176 -1.68 1.02 -7.94
N LYS A 177 -2.13 1.02 -6.70
CA LYS A 177 -3.55 0.99 -6.40
C LYS A 177 -4.00 2.42 -6.10
N ILE A 178 -5.27 2.69 -6.37
CA ILE A 178 -5.87 3.95 -6.01
C ILE A 178 -6.92 3.70 -4.93
N ALA A 179 -6.84 4.47 -3.85
CA ALA A 179 -7.84 4.44 -2.78
C ALA A 179 -8.71 5.68 -2.85
N LYS A 180 -10.01 5.48 -3.00
CA LYS A 180 -10.98 6.54 -2.75
C LYS A 180 -11.51 6.32 -1.34
N GLU A 181 -11.06 7.17 -0.44
CA GLU A 181 -11.50 7.11 0.94
C GLU A 181 -12.46 8.25 1.22
N SER A 182 -13.47 7.97 2.02
CA SER A 182 -14.41 9.02 2.37
C SER A 182 -15.14 8.81 3.69
N ALA A 183 -15.65 9.92 4.22
CA ALA A 183 -16.50 9.90 5.38
C ALA A 183 -17.62 10.90 5.16
N ASP A 184 -18.85 10.48 5.43
CA ASP A 184 -19.97 11.41 5.56
C ASP A 184 -19.93 12.11 6.90
N PHE A 185 -20.43 13.33 6.93
CA PHE A 185 -20.59 14.03 8.21
C PHE A 185 -21.94 14.75 8.28
N SER A 186 -22.37 15.04 9.50
CA SER A 186 -23.58 15.82 9.72
C SER A 186 -23.42 16.58 11.02
N ALA A 187 -24.23 17.61 11.19
CA ALA A 187 -24.29 18.39 12.41
C ALA A 187 -25.71 18.94 12.53
N PRO A 188 -26.26 18.98 13.76
CA PRO A 188 -27.56 19.64 13.95
C PRO A 188 -27.43 21.16 13.77
N ILE A 189 -28.40 21.75 13.11
CA ILE A 189 -28.58 23.20 13.11
C ILE A 189 -29.70 23.53 14.11
N THR A 190 -29.47 24.53 14.96
CA THR A 190 -30.48 24.93 15.93
C THR A 190 -30.67 26.44 15.97
N VAL A 191 -31.93 26.85 16.12
CA VAL A 191 -32.24 28.28 16.26
C VAL A 191 -32.74 28.58 17.68
N ASP A 192 -32.20 29.64 18.27
CA ASP A 192 -32.63 30.09 19.59
C ASP A 192 -32.66 31.62 19.62
N GLY A 193 -33.57 32.18 20.42
CA GLY A 193 -33.72 33.63 20.51
C GLY A 193 -35.12 34.11 20.15
N TYR A 194 -35.24 35.35 19.70
CA TYR A 194 -36.55 36.02 19.66
C TYR A 194 -36.86 36.73 18.35
N PHE A 195 -38.17 36.88 18.10
CA PHE A 195 -38.71 37.80 17.11
C PHE A 195 -39.49 38.91 17.83
N GLY A 196 -39.61 40.06 17.16
CA GLY A 196 -40.34 41.22 17.70
C GLY A 196 -41.53 41.53 16.82
N ALA A 197 -42.54 42.18 17.39
CA ALA A 197 -43.69 42.66 16.62
C ALA A 197 -44.19 43.96 17.19
N ASN A 198 -44.59 44.88 16.32
CA ASN A 198 -45.25 46.11 16.76
C ASN A 198 -46.69 46.16 16.33
N PHE A 199 -47.57 46.51 17.26
CA PHE A 199 -49.00 46.44 17.06
C PHE A 199 -49.62 47.83 16.87
N PRO A 200 -50.78 47.90 16.17
CA PRO A 200 -51.53 49.16 15.98
C PRO A 200 -52.16 49.68 17.27
N LYS A 201 -52.50 48.80 18.21
CA LYS A 201 -52.98 49.18 19.53
C LYS A 201 -52.24 48.43 20.65
N ARG A 202 -52.52 48.75 21.91
CA ARG A 202 -51.94 48.02 23.03
C ARG A 202 -52.60 46.64 23.10
N VAL A 203 -51.78 45.58 23.15
CA VAL A 203 -52.25 44.21 23.24
C VAL A 203 -51.48 43.47 24.35
N GLY A 204 -51.92 42.25 24.69
CA GLY A 204 -51.17 41.39 25.60
C GLY A 204 -51.32 41.79 27.05
N PRO A 205 -50.72 40.99 27.95
CA PRO A 205 -50.79 41.28 29.38
C PRO A 205 -50.13 42.62 29.74
N GLY A 206 -50.92 43.52 30.33
CA GLY A 206 -50.49 44.88 30.65
C GLY A 206 -50.81 45.92 29.58
N GLY A 207 -51.03 45.48 28.34
CA GLY A 207 -51.31 46.39 27.22
C GLY A 207 -50.06 47.10 26.72
N HIS A 208 -49.38 46.49 25.77
CA HIS A 208 -48.14 47.04 25.20
C HIS A 208 -48.19 46.99 23.67
N TYR A 209 -47.51 47.93 23.02
CA TYR A 209 -47.40 47.98 21.56
C TYR A 209 -46.33 47.03 21.03
N PHE A 210 -45.24 46.83 21.79
CA PHE A 210 -44.13 46.00 21.36
C PHE A 210 -44.02 44.71 22.14
N TRP A 211 -43.91 43.60 21.41
CA TRP A 211 -43.78 42.27 22.00
C TRP A 211 -42.66 41.44 21.38
N PHE A 212 -42.08 40.57 22.20
CA PHE A 212 -41.08 39.58 21.79
C PHE A 212 -41.51 38.19 22.20
N ASN A 213 -41.34 37.25 21.29
CA ASN A 213 -41.67 35.85 21.54
C ASN A 213 -40.52 35.00 21.07
N PRO A 214 -40.21 33.93 21.81
CA PRO A 214 -39.14 33.04 21.34
C PRO A 214 -39.46 32.53 19.95
N ALA A 215 -38.42 32.30 19.16
CA ALA A 215 -38.52 31.75 17.80
C ALA A 215 -39.49 30.56 17.68
N ARG A 216 -39.49 29.68 18.68
CA ARG A 216 -40.35 28.47 18.67
C ARG A 216 -41.85 28.78 18.67
N ASP A 217 -42.22 29.95 19.18
CA ASP A 217 -43.61 30.42 19.16
C ASP A 217 -44.11 30.91 17.81
N VAL A 218 -43.21 31.32 16.91
CA VAL A 218 -43.63 31.97 15.66
C VAL A 218 -43.12 31.28 14.37
N LEU A 219 -42.21 30.32 14.52
CA LEU A 219 -41.65 29.57 13.40
C LEU A 219 -42.20 28.16 13.42
N ASN A 220 -42.28 27.54 12.25
CA ASN A 220 -42.81 26.18 12.11
C ASN A 220 -41.84 25.12 12.59
N THR A 221 -40.57 25.49 12.65
CA THR A 221 -39.54 24.63 13.19
C THR A 221 -38.41 25.52 13.65
N THR A 222 -37.52 24.99 14.48
CA THR A 222 -36.35 25.75 14.93
C THR A 222 -35.07 24.93 14.76
N SER A 223 -35.15 23.87 13.98
CA SER A 223 -33.95 23.09 13.70
C SER A 223 -33.83 22.67 12.24
N GLY A 224 -32.61 22.31 11.87
CA GLY A 224 -32.31 21.72 10.58
C GLY A 224 -31.07 20.86 10.68
N THR A 225 -30.49 20.52 9.53
CA THR A 225 -29.38 19.57 9.46
C THR A 225 -28.32 19.99 8.43
N LEU A 226 -27.07 19.94 8.86
CA LEU A 226 -25.94 20.10 7.97
C LEU A 226 -25.47 18.71 7.56
N ARG A 227 -25.09 18.54 6.30
CA ARG A 227 -24.55 17.28 5.79
C ARG A 227 -23.40 17.55 4.84
N GLY A 228 -22.55 16.55 4.67
CA GLY A 228 -21.51 16.64 3.68
C GLY A 228 -20.70 15.38 3.63
N THR A 229 -19.64 15.43 2.84
CA THR A 229 -18.70 14.34 2.65
C THR A 229 -17.29 14.88 2.53
N VAL A 230 -16.34 14.16 3.10
CA VAL A 230 -14.92 14.43 2.94
C VAL A 230 -14.28 13.22 2.25
N THR A 231 -13.73 13.45 1.05
CA THR A 231 -13.09 12.43 0.22
C THR A 231 -11.58 12.68 0.06
N ASN A 232 -10.81 11.60 -0.07
CA ASN A 232 -9.39 11.66 -0.37
C ASN A 232 -9.11 10.59 -1.41
N VAL A 233 -8.45 10.97 -2.51
CA VAL A 233 -8.01 10.02 -3.55
C VAL A 233 -6.48 10.02 -3.59
N SER A 234 -5.89 8.85 -3.32
CA SER A 234 -4.43 8.72 -3.31
C SER A 234 -3.98 7.37 -3.87
N SER A 235 -2.72 7.30 -4.26
CA SER A 235 -2.15 6.09 -4.81
C SER A 235 -1.30 5.46 -3.72
N PHE A 236 -1.24 4.13 -3.75
CA PHE A 236 -0.47 3.32 -2.80
C PHE A 236 -0.12 1.96 -3.43
N ASP A 237 0.69 1.18 -2.74
CA ASP A 237 1.09 -0.17 -3.17
C ASP A 237 1.75 -0.18 -4.53
N PHE A 238 2.78 0.66 -4.68
CA PHE A 238 3.57 0.77 -5.90
C PHE A 238 4.36 -0.51 -6.18
N GLN A 239 4.32 -0.94 -7.44
CA GLN A 239 5.02 -2.16 -7.85
C GLN A 239 5.73 -1.92 -9.16
N THR A 240 6.85 -2.62 -9.32
CA THR A 240 7.53 -2.71 -10.59
C THR A 240 7.09 -4.02 -11.21
N ILE A 241 6.66 -3.95 -12.47
CA ILE A 241 6.30 -5.13 -13.25
C ILE A 241 7.20 -5.19 -14.47
N VAL A 242 8.04 -6.23 -14.51
CA VAL A 242 8.83 -6.51 -15.69
C VAL A 242 8.13 -7.65 -16.43
N GLN A 243 7.63 -7.36 -17.62
CA GLN A 243 6.93 -8.36 -18.45
C GLN A 243 7.88 -9.24 -19.27
N PRO A 244 7.43 -10.45 -19.65
CA PRO A 244 8.32 -11.33 -20.42
C PRO A 244 8.79 -10.67 -21.70
N ALA A 245 10.06 -10.90 -22.05
CA ALA A 245 10.60 -10.45 -23.33
C ALA A 245 9.77 -11.00 -24.48
N ARG A 246 9.42 -10.12 -25.40
CA ARG A 246 8.70 -10.49 -26.60
C ARG A 246 9.57 -10.27 -27.85
N SER A 247 9.49 -11.20 -28.80
CA SER A 247 10.29 -11.11 -30.03
C SER A 247 9.87 -9.90 -30.87
N LEU A 248 10.86 -9.27 -31.49
CA LEU A 248 10.69 -8.00 -32.21
C LEU A 248 9.63 -8.04 -33.31
N MET B 1 7.88 -32.31 -11.75
CA MET B 1 8.90 -32.89 -12.67
C MET B 1 10.29 -32.47 -12.19
N ASP B 2 11.31 -32.72 -13.02
CA ASP B 2 12.68 -32.27 -12.76
C ASP B 2 12.87 -30.81 -13.11
N VAL B 3 13.50 -30.06 -12.22
CA VAL B 3 13.89 -28.68 -12.54
C VAL B 3 15.40 -28.60 -12.82
N ILE B 4 16.14 -29.62 -12.35
CA ILE B 4 17.57 -29.81 -12.61
C ILE B 4 17.86 -31.31 -12.82
N ARG B 5 18.62 -31.63 -13.86
CA ARG B 5 19.24 -32.95 -14.00
C ARG B 5 20.72 -32.79 -14.29
N GLU B 6 21.56 -33.46 -13.50
CA GLU B 6 22.98 -33.50 -13.81
C GLU B 6 23.66 -34.78 -13.34
N TYR B 7 24.83 -35.08 -13.92
CA TYR B 7 25.59 -36.25 -13.54
C TYR B 7 25.98 -36.22 -12.07
N LEU B 8 25.89 -37.38 -11.42
CA LEU B 8 26.48 -37.60 -10.11
C LEU B 8 27.99 -37.71 -10.26
N MET B 9 28.72 -37.08 -9.34
CA MET B 9 30.18 -37.11 -9.30
C MET B 9 30.69 -37.96 -8.12
N PHE B 10 31.88 -38.56 -8.28
CA PHE B 10 32.46 -39.38 -7.22
C PHE B 10 32.73 -38.53 -5.98
N ASN B 11 33.01 -37.24 -6.17
CA ASN B 11 33.29 -36.37 -5.03
C ASN B 11 32.05 -35.89 -4.26
N GLU B 12 30.88 -36.37 -4.68
CA GLU B 12 29.67 -36.07 -3.91
C GLU B 12 28.95 -37.31 -3.40
N LEU B 13 29.62 -38.47 -3.43
CA LEU B 13 29.05 -39.68 -2.88
C LEU B 13 28.69 -39.56 -1.39
N SER B 14 29.41 -38.70 -0.68
CA SER B 14 29.16 -38.40 0.73
C SER B 14 27.77 -37.80 0.92
N ALA B 15 27.29 -37.09 -0.12
CA ALA B 15 25.94 -36.55 -0.15
C ALA B 15 24.87 -37.66 -0.11
N LEU B 16 25.23 -38.87 -0.57
CA LEU B 16 24.41 -40.07 -0.45
C LEU B 16 24.90 -41.00 0.70
N SER B 17 25.58 -40.38 1.68
CA SER B 17 26.14 -41.07 2.85
C SER B 17 27.04 -42.25 2.49
N SER B 18 27.67 -42.15 1.31
CA SER B 18 28.40 -43.24 0.71
C SER B 18 29.81 -42.78 0.29
N SER B 19 30.57 -43.72 -0.28
CA SER B 19 31.94 -43.46 -0.70
C SER B 19 32.32 -44.40 -1.84
N PRO B 20 33.39 -44.08 -2.60
CA PRO B 20 33.91 -45.06 -3.56
C PRO B 20 34.16 -46.44 -2.95
N GLU B 21 34.72 -46.48 -1.74
CA GLU B 21 34.97 -47.75 -1.03
C GLU B 21 33.68 -48.52 -0.68
N SER B 22 32.63 -47.81 -0.29
CA SER B 22 31.37 -48.48 0.06
C SER B 22 30.63 -49.01 -1.16
N VAL B 23 30.73 -48.30 -2.28
CA VAL B 23 30.20 -48.77 -3.56
C VAL B 23 30.93 -50.04 -4.04
N ARG B 24 32.26 -49.99 -4.01
CA ARG B 24 33.10 -51.12 -4.38
C ARG B 24 32.79 -52.37 -3.54
N SER B 25 32.52 -52.16 -2.26
CA SER B 25 32.22 -53.25 -1.34
C SER B 25 30.84 -53.86 -1.64
N ARG B 26 29.88 -53.02 -2.05
CA ARG B 26 28.57 -53.50 -2.47
C ARG B 26 28.66 -54.35 -3.75
N PHE B 27 29.50 -53.94 -4.70
CA PHE B 27 29.80 -54.75 -5.88
C PHE B 27 30.48 -56.07 -5.52
N SER B 28 31.38 -56.01 -4.53
CA SER B 28 32.04 -57.20 -4.02
C SER B 28 31.04 -58.23 -3.49
N SER B 29 30.07 -57.77 -2.70
CA SER B 29 29.01 -58.64 -2.18
C SER B 29 28.09 -59.15 -3.27
N ILE B 30 27.79 -58.32 -4.28
CA ILE B 30 26.84 -58.74 -5.32
C ILE B 30 27.39 -59.88 -6.20
N TYR B 31 28.65 -59.76 -6.62
CA TYR B 31 29.27 -60.68 -7.59
C TYR B 31 30.22 -61.72 -7.00
N GLY B 32 30.62 -61.53 -5.74
CA GLY B 32 31.43 -62.51 -5.01
C GLY B 32 32.93 -62.29 -5.11
N THR B 33 33.31 -61.28 -5.87
CA THR B 33 34.71 -60.93 -6.07
C THR B 33 34.79 -59.41 -5.91
N ASN B 34 35.81 -58.93 -5.21
CA ASN B 34 36.10 -57.51 -5.16
C ASN B 34 36.56 -57.01 -6.54
N PRO B 35 35.84 -56.03 -7.12
CA PRO B 35 36.24 -55.48 -8.41
C PRO B 35 37.57 -54.73 -8.35
N ASP B 36 38.29 -54.72 -9.47
CA ASP B 36 39.54 -53.97 -9.55
C ASP B 36 39.26 -52.48 -9.51
N GLY B 37 38.15 -52.09 -10.14
CA GLY B 37 37.79 -50.70 -10.26
C GLY B 37 36.31 -50.51 -10.44
N ILE B 38 35.88 -49.26 -10.24
CA ILE B 38 34.48 -48.90 -10.45
C ILE B 38 34.41 -47.65 -11.36
N ALA B 39 33.22 -47.37 -11.88
CA ALA B 39 33.01 -46.29 -12.83
C ALA B 39 31.67 -45.63 -12.56
N LEU B 40 31.64 -44.31 -12.80
CA LEU B 40 30.46 -43.49 -12.66
C LEU B 40 30.55 -42.44 -13.77
N ASN B 41 29.60 -42.47 -14.71
CA ASN B 41 29.58 -41.51 -15.79
C ASN B 41 30.96 -41.45 -16.50
N ASN B 42 31.60 -40.27 -16.50
CA ASN B 42 32.90 -40.10 -17.17
C ASN B 42 34.09 -40.20 -16.22
N GLU B 43 33.90 -40.90 -15.10
CA GLU B 43 34.92 -41.03 -14.08
C GLU B 43 35.11 -42.49 -13.74
N THR B 44 36.30 -42.80 -13.23
CA THR B 44 36.58 -44.09 -12.65
C THR B 44 37.19 -43.92 -11.25
N TYR B 45 37.32 -45.05 -10.55
CA TYR B 45 37.98 -45.07 -9.26
C TYR B 45 38.64 -46.42 -9.11
N PHE B 46 39.77 -46.44 -8.41
CA PHE B 46 40.57 -47.64 -8.14
C PHE B 46 41.23 -48.17 -9.41
N ASN B 47 41.48 -49.48 -9.47
CA ASN B 47 42.19 -50.06 -10.62
C ASN B 47 41.23 -50.27 -11.81
N ALA B 48 40.82 -49.16 -12.42
CA ALA B 48 39.75 -49.20 -13.41
C ALA B 48 40.20 -49.17 -14.88
N VAL B 49 39.37 -49.76 -15.74
CA VAL B 49 39.52 -49.72 -17.19
C VAL B 49 39.29 -48.29 -17.69
N LYS B 50 40.18 -47.85 -18.59
CA LYS B 50 40.05 -46.57 -19.29
C LYS B 50 39.77 -46.83 -20.77
N PRO B 51 38.83 -46.06 -21.38
CA PRO B 51 37.91 -45.06 -20.83
C PRO B 51 36.82 -45.68 -19.93
N PRO B 52 36.19 -44.88 -19.06
CA PRO B 52 35.20 -45.44 -18.12
C PRO B 52 34.18 -46.37 -18.82
N ILE B 53 33.98 -47.57 -18.28
CA ILE B 53 33.07 -48.53 -18.92
C ILE B 53 31.63 -48.01 -19.00
N THR B 54 31.28 -47.15 -18.06
CA THR B 54 29.98 -46.50 -18.05
C THR B 54 29.78 -45.59 -19.27
N ALA B 55 30.82 -44.83 -19.61
CA ALA B 55 30.80 -43.97 -20.81
C ALA B 55 30.85 -44.78 -22.09
N GLN B 56 31.59 -45.90 -22.05
CA GLN B 56 31.72 -46.78 -23.20
C GLN B 56 30.38 -47.41 -23.56
N TYR B 57 29.65 -47.88 -22.56
CA TYR B 57 28.43 -48.65 -22.81
C TYR B 57 27.14 -47.85 -22.72
N GLY B 58 27.25 -46.62 -22.21
CA GLY B 58 26.10 -45.72 -22.11
C GLY B 58 25.29 -45.88 -20.83
N TYR B 59 25.94 -46.25 -19.73
CA TYR B 59 25.27 -46.33 -18.43
C TYR B 59 25.60 -45.12 -17.55
N TYR B 60 24.60 -44.28 -17.33
CA TYR B 60 24.82 -43.02 -16.66
C TYR B 60 24.00 -42.92 -15.38
N CYS B 61 24.37 -41.96 -14.54
CA CYS B 61 23.78 -41.80 -13.24
C CYS B 61 23.58 -40.32 -12.94
N TYR B 62 22.34 -39.94 -12.65
CA TYR B 62 21.95 -38.55 -12.43
C TYR B 62 21.56 -38.27 -10.99
N LYS B 63 21.88 -37.06 -10.55
CA LYS B 63 21.20 -36.41 -9.46
C LYS B 63 20.14 -35.46 -10.06
N ASN B 64 18.93 -35.52 -9.50
CA ASN B 64 17.77 -34.84 -10.06
C ASN B 64 17.15 -34.01 -8.97
N VAL B 65 16.69 -32.81 -9.33
CA VAL B 65 15.94 -31.99 -8.39
C VAL B 65 14.49 -31.90 -8.88
N GLY B 66 13.55 -32.12 -7.97
CA GLY B 66 12.13 -31.95 -8.27
C GLY B 66 11.62 -30.52 -8.10
N THR B 67 10.34 -30.33 -8.41
CA THR B 67 9.67 -29.04 -8.28
C THR B 67 9.87 -28.44 -6.88
N VAL B 68 10.25 -27.16 -6.84
CA VAL B 68 10.46 -26.45 -5.60
C VAL B 68 9.10 -26.17 -4.95
N GLN B 69 9.01 -26.48 -3.65
CA GLN B 69 7.81 -26.24 -2.87
C GLN B 69 8.06 -25.09 -1.90
N TYR B 70 7.15 -24.13 -1.86
CA TYR B 70 7.30 -22.95 -1.00
C TYR B 70 6.33 -23.00 0.17
N VAL B 71 6.80 -22.49 1.32
CA VAL B 71 5.96 -22.28 2.50
C VAL B 71 6.17 -20.84 2.99
N ASN B 72 5.14 -20.01 2.87
CA ASN B 72 5.17 -18.65 3.44
C ASN B 72 5.41 -18.65 4.95
N ARG B 73 6.31 -17.78 5.38
CA ARG B 73 6.52 -17.51 6.79
C ARG B 73 5.80 -16.20 7.14
N PRO B 74 5.51 -15.98 8.44
CA PRO B 74 4.79 -14.75 8.82
C PRO B 74 5.53 -13.48 8.42
N THR B 75 4.77 -12.47 8.02
CA THR B 75 5.34 -11.19 7.62
C THR B 75 5.51 -10.31 8.85
N ASP B 76 6.66 -9.65 8.94
CA ASP B 76 6.93 -8.69 10.00
C ASP B 76 6.83 -7.28 9.43
N ILE B 77 6.00 -6.44 10.06
CA ILE B 77 5.83 -5.05 9.65
C ILE B 77 6.35 -4.10 10.73
N ASN B 78 7.35 -3.31 10.37
CA ASN B 78 7.74 -2.15 11.17
C ASN B 78 6.84 -0.97 10.75
N PRO B 79 5.92 -0.56 11.64
CA PRO B 79 4.81 0.34 11.27
C PRO B 79 5.16 1.80 11.05
N ASN B 80 6.34 2.23 11.49
CA ASN B 80 6.74 3.62 11.31
C ASN B 80 8.24 3.67 11.15
N VAL B 81 8.67 4.17 10.01
CA VAL B 81 10.06 4.48 9.77
C VAL B 81 10.01 5.85 9.11
N ILE B 82 10.72 6.81 9.70
CA ILE B 82 10.86 8.13 9.12
C ILE B 82 11.90 8.04 8.01
N LEU B 83 11.47 8.25 6.78
CA LEU B 83 12.36 8.20 5.61
C LEU B 83 12.93 9.58 5.29
N ALA B 84 12.18 10.64 5.58
CA ALA B 84 12.68 11.98 5.37
C ALA B 84 12.11 12.87 6.45
N GLN B 85 12.83 13.93 6.76
CA GLN B 85 12.43 14.90 7.75
C GLN B 85 13.04 16.26 7.43
N ASP B 86 12.17 17.27 7.34
CA ASP B 86 12.58 18.65 7.13
C ASP B 86 11.86 19.55 8.11
N THR B 87 12.61 20.45 8.73
CA THR B 87 12.06 21.45 9.61
C THR B 87 12.15 22.78 8.90
N LEU B 88 11.04 23.49 8.81
CA LEU B 88 11.07 24.82 8.24
C LEU B 88 10.73 25.87 9.33
N THR B 89 11.60 26.87 9.46
CA THR B 89 11.52 27.80 10.59
C THR B 89 11.06 29.21 10.21
N ASN B 90 10.34 29.85 11.15
CA ASN B 90 9.82 31.19 10.97
C ASN B 90 10.23 32.10 12.13
N ASN B 91 11.10 33.07 11.84
CA ASN B 91 11.45 34.12 12.80
C ASN B 91 10.99 35.53 12.37
N THR B 92 9.88 35.58 11.64
CA THR B 92 9.24 36.85 11.30
C THR B 92 8.02 37.06 12.20
N ASN B 93 7.35 38.20 12.04
CA ASN B 93 6.25 38.61 12.91
C ASN B 93 4.87 38.10 12.47
N GLU B 94 4.80 37.53 11.27
CA GLU B 94 3.54 37.03 10.71
C GLU B 94 3.65 35.56 10.32
N PRO B 95 2.55 34.79 10.53
CA PRO B 95 2.52 33.40 10.05
C PRO B 95 2.56 33.35 8.52
N PHE B 96 3.33 32.42 7.94
CA PHE B 96 3.37 32.29 6.49
C PHE B 96 2.93 30.92 5.97
N THR B 97 2.50 30.91 4.71
CA THR B 97 2.03 29.70 4.03
C THR B 97 2.96 29.38 2.85
N THR B 98 3.39 28.12 2.78
CA THR B 98 4.33 27.70 1.72
C THR B 98 4.19 26.22 1.36
N THR B 99 4.57 25.90 0.14
CA THR B 99 4.54 24.53 -0.36
C THR B 99 5.96 24.06 -0.59
N ILE B 100 6.31 22.96 0.08
CA ILE B 100 7.62 22.33 -0.04
C ILE B 100 7.51 20.92 -0.61
N THR B 101 8.60 20.41 -1.15
CA THR B 101 8.68 19.02 -1.55
C THR B 101 9.61 18.29 -0.58
N ILE B 102 9.14 17.17 -0.07
CA ILE B 102 9.91 16.31 0.81
C ILE B 102 10.16 14.99 0.05
N THR B 103 11.38 14.47 0.18
CA THR B 103 11.88 13.37 -0.63
C THR B 103 12.63 12.39 0.26
N GLY B 104 12.24 11.12 0.14
CA GLY B 104 12.85 10.02 0.85
C GLY B 104 13.23 8.92 -0.13
N SER B 105 14.09 8.02 0.32
CA SER B 105 14.63 7.02 -0.56
C SER B 105 14.86 5.76 0.25
N PHE B 106 14.47 4.63 -0.32
CA PHE B 106 14.57 3.36 0.37
C PHE B 106 15.01 2.30 -0.64
N THR B 107 16.02 1.51 -0.26
CA THR B 107 16.52 0.43 -1.10
C THR B 107 15.92 -0.93 -0.68
N ASN B 108 14.96 -1.39 -1.47
CA ASN B 108 14.34 -2.69 -1.30
C ASN B 108 15.36 -3.76 -1.62
N THR B 109 15.28 -4.87 -0.89
CA THR B 109 16.20 -5.95 -1.13
C THR B 109 15.43 -7.24 -1.27
N SER B 110 15.98 -8.13 -2.08
CA SER B 110 15.48 -9.48 -2.20
C SER B 110 16.63 -10.45 -2.07
N THR B 111 16.51 -11.38 -1.13
CA THR B 111 17.62 -12.28 -0.83
C THR B 111 17.22 -13.74 -0.98
N VAL B 112 17.98 -14.49 -1.77
CA VAL B 112 17.83 -15.95 -1.83
C VAL B 112 19.04 -16.62 -1.16
N THR B 113 18.78 -17.63 -0.34
CA THR B 113 19.81 -18.52 0.16
C THR B 113 19.34 -19.97 -0.04
N SER B 114 20.27 -20.89 -0.26
CA SER B 114 19.91 -22.30 -0.46
C SER B 114 21.04 -23.19 0.02
N SER B 115 20.73 -24.46 0.21
CA SER B 115 21.70 -25.48 0.54
C SER B 115 21.07 -26.87 0.36
N THR B 116 21.88 -27.90 0.53
CA THR B 116 21.34 -29.26 0.65
C THR B 116 21.68 -29.78 2.04
N THR B 117 20.93 -30.76 2.51
CA THR B 117 21.18 -31.32 3.82
C THR B 117 22.48 -32.12 3.95
N THR B 118 23.07 -32.55 2.83
CA THR B 118 24.20 -33.50 2.85
C THR B 118 25.39 -33.11 1.96
N GLY B 119 25.25 -31.98 1.27
CA GLY B 119 26.36 -31.38 0.56
C GLY B 119 26.55 -31.76 -0.88
N PHE B 120 25.47 -31.98 -1.62
CA PHE B 120 25.59 -32.16 -3.07
C PHE B 120 26.32 -31.00 -3.71
N LYS B 121 26.83 -31.24 -4.91
CA LYS B 121 27.63 -30.26 -5.61
C LYS B 121 26.99 -29.96 -6.96
N PHE B 122 25.86 -29.26 -6.96
CA PHE B 122 25.17 -28.87 -8.18
C PHE B 122 25.88 -27.74 -8.91
N THR B 123 26.03 -27.93 -10.21
CA THR B 123 26.58 -26.96 -11.15
C THR B 123 25.45 -26.08 -11.72
N SER B 124 24.27 -26.66 -11.93
CA SER B 124 23.16 -25.91 -12.52
C SER B 124 22.57 -24.90 -11.53
N LYS B 125 22.15 -23.78 -12.05
CA LYS B 125 21.50 -22.78 -11.24
C LYS B 125 20.06 -23.22 -10.95
N LEU B 126 19.62 -22.92 -9.75
CA LEU B 126 18.26 -23.17 -9.35
C LEU B 126 17.42 -21.92 -9.66
N SER B 127 16.29 -22.15 -10.29
CA SER B 127 15.36 -21.10 -10.61
C SER B 127 14.38 -20.97 -9.45
N ILE B 128 14.40 -19.79 -8.82
CA ILE B 128 13.54 -19.45 -7.68
C ILE B 128 12.61 -18.30 -8.08
N LYS B 129 11.30 -18.54 -7.98
CA LYS B 129 10.29 -17.52 -8.26
C LYS B 129 9.26 -17.43 -7.14
N LYS B 130 8.99 -16.21 -6.70
CA LYS B 130 8.00 -15.98 -5.65
C LYS B 130 7.32 -14.62 -5.85
N VAL B 131 5.99 -14.61 -5.78
CA VAL B 131 5.26 -13.35 -5.74
C VAL B 131 4.91 -13.06 -4.29
N PHE B 132 5.54 -12.01 -3.72
CA PHE B 132 5.17 -11.52 -2.38
C PHE B 132 4.06 -10.45 -2.46
N GLU B 133 3.12 -10.47 -1.51
CA GLU B 133 2.06 -9.44 -1.49
C GLU B 133 2.60 -8.00 -1.55
N ILE B 134 3.55 -7.69 -0.66
CA ILE B 134 4.08 -6.33 -0.60
C ILE B 134 5.25 -6.15 -1.57
N GLY B 135 6.24 -7.04 -1.48
CA GLY B 135 7.43 -6.94 -2.32
C GLY B 135 7.24 -7.25 -3.79
N GLY B 136 6.11 -7.83 -4.16
CA GLY B 136 5.87 -8.21 -5.55
C GLY B 136 6.71 -9.37 -6.06
N GLU B 137 6.92 -9.37 -7.38
CA GLU B 137 7.48 -10.51 -8.09
C GLU B 137 8.98 -10.59 -7.91
N VAL B 138 9.43 -11.68 -7.33
CA VAL B 138 10.86 -11.91 -7.19
C VAL B 138 11.29 -13.12 -8.02
N SER B 139 12.49 -13.04 -8.58
CA SER B 139 13.01 -14.07 -9.44
C SER B 139 14.54 -14.19 -9.30
N PHE B 140 15.02 -15.41 -9.11
CA PHE B 140 16.46 -15.69 -9.01
C PHE B 140 16.87 -16.88 -9.88
N SER B 141 18.14 -16.85 -10.31
CA SER B 141 18.81 -17.99 -10.88
C SER B 141 20.11 -18.09 -10.07
N THR B 142 20.15 -19.05 -9.16
CA THR B 142 21.14 -19.04 -8.08
C THR B 142 21.93 -20.33 -8.00
N THR B 143 23.20 -20.23 -7.62
CA THR B 143 24.02 -21.40 -7.36
C THR B 143 23.62 -21.96 -6.01
N ILE B 144 23.25 -23.23 -5.99
CA ILE B 144 22.83 -23.91 -4.76
C ILE B 144 23.97 -23.89 -3.73
N GLY B 145 23.66 -23.48 -2.51
CA GLY B 145 24.69 -23.37 -1.51
C GLY B 145 25.07 -21.92 -1.24
N THR B 146 24.72 -21.03 -2.17
CA THR B 146 25.12 -19.64 -2.01
C THR B 146 23.97 -18.75 -1.55
N SER B 147 24.31 -17.50 -1.21
CA SER B 147 23.36 -16.45 -0.89
C SER B 147 23.52 -15.31 -1.86
N GLU B 148 22.41 -14.75 -2.31
CA GLU B 148 22.52 -13.54 -3.10
C GLU B 148 21.38 -12.59 -2.89
N THR B 149 21.72 -11.30 -2.97
CA THR B 149 20.78 -10.21 -2.79
C THR B 149 20.76 -9.33 -4.02
N THR B 150 19.57 -9.06 -4.51
CA THR B 150 19.36 -7.99 -5.48
C THR B 150 18.65 -6.79 -4.82
N THR B 151 18.86 -5.62 -5.39
CA THR B 151 18.38 -4.37 -4.80
C THR B 151 17.62 -3.54 -5.82
N GLU B 152 16.59 -2.84 -5.34
CA GLU B 152 15.88 -1.82 -6.12
C GLU B 152 15.64 -0.62 -5.21
N THR B 153 15.89 0.58 -5.72
CA THR B 153 15.69 1.81 -4.95
C THR B 153 14.43 2.57 -5.38
N ILE B 154 13.57 2.83 -4.40
CA ILE B 154 12.39 3.65 -4.58
C ILE B 154 12.64 5.03 -3.98
N THR B 155 12.36 6.07 -4.78
CA THR B 155 12.46 7.45 -4.36
C THR B 155 11.07 8.07 -4.47
N VAL B 156 10.61 8.67 -3.38
CA VAL B 156 9.27 9.20 -3.26
C VAL B 156 9.35 10.67 -2.90
N SER B 157 8.70 11.52 -3.70
CA SER B 157 8.62 12.95 -3.44
C SER B 157 7.16 13.32 -3.26
N LYS B 158 6.89 14.18 -2.28
CA LYS B 158 5.54 14.65 -2.02
C LYS B 158 5.59 16.13 -1.75
N SER B 159 4.71 16.88 -2.43
CA SER B 159 4.50 18.28 -2.13
C SER B 159 3.65 18.39 -0.87
N VAL B 160 3.95 19.38 -0.02
CA VAL B 160 3.19 19.60 1.20
C VAL B 160 3.03 21.10 1.43
N THR B 161 1.79 21.53 1.64
CA THR B 161 1.49 22.93 1.95
C THR B 161 1.31 23.07 3.45
N VAL B 162 2.09 23.96 4.06
CA VAL B 162 2.12 24.09 5.50
C VAL B 162 2.17 25.56 5.93
N THR B 163 1.29 25.90 6.87
CA THR B 163 1.28 27.21 7.51
C THR B 163 2.05 27.08 8.81
N VAL B 164 3.04 27.96 8.99
CA VAL B 164 3.82 27.98 10.22
C VAL B 164 3.66 29.34 10.90
N PRO B 165 3.26 29.33 12.19
CA PRO B 165 3.07 30.56 12.97
C PRO B 165 4.31 31.46 12.99
N ALA B 166 4.15 32.67 13.54
CA ALA B 166 5.19 33.69 13.55
C ALA B 166 6.41 33.32 14.40
N GLN B 167 6.17 32.58 15.49
CA GLN B 167 7.19 32.40 16.52
C GLN B 167 7.76 31.00 16.62
N SER B 168 7.74 30.26 15.50
CA SER B 168 7.98 28.82 15.55
C SER B 168 8.60 28.17 14.32
N ARG B 169 8.93 26.90 14.50
CA ARG B 169 9.36 25.99 13.45
C ARG B 169 8.34 24.85 13.39
N ARG B 170 8.18 24.26 12.20
CA ARG B 170 7.37 23.03 12.04
C ARG B 170 8.17 21.97 11.30
N THR B 171 8.01 20.73 11.75
CA THR B 171 8.68 19.59 11.18
C THR B 171 7.70 18.79 10.30
N ILE B 172 8.13 18.51 9.06
CA ILE B 172 7.43 17.63 8.13
C ILE B 172 8.24 16.35 7.96
N GLN B 173 7.57 15.21 8.07
CA GLN B 173 8.22 13.93 7.88
C GLN B 173 7.59 13.14 6.75
N LEU B 174 8.40 12.29 6.13
CA LEU B 174 7.93 11.31 5.16
C LEU B 174 8.16 9.95 5.82
N THR B 175 7.08 9.25 6.13
CA THR B 175 7.19 7.95 6.80
C THR B 175 6.75 6.80 5.90
N ALA B 176 7.10 5.59 6.33
CA ALA B 176 6.72 4.38 5.63
C ALA B 176 6.58 3.22 6.61
N LYS B 177 5.93 2.16 6.16
CA LYS B 177 6.02 0.86 6.80
C LYS B 177 7.09 0.01 6.11
N ILE B 178 7.77 -0.84 6.88
CA ILE B 178 8.76 -1.75 6.32
C ILE B 178 8.26 -3.16 6.53
N ALA B 179 8.20 -3.91 5.44
CA ALA B 179 7.78 -5.30 5.47
C ALA B 179 8.98 -6.21 5.30
N LYS B 180 9.07 -7.21 6.18
CA LYS B 180 10.00 -8.31 6.00
C LYS B 180 9.14 -9.50 5.65
N GLU B 181 9.21 -9.90 4.39
CA GLU B 181 8.45 -11.06 3.92
C GLU B 181 9.43 -12.19 3.60
N SER B 182 9.02 -13.41 3.86
CA SER B 182 9.86 -14.54 3.53
C SER B 182 9.08 -15.82 3.28
N ALA B 183 9.69 -16.70 2.51
CA ALA B 183 9.15 -18.02 2.26
C ALA B 183 10.32 -18.98 2.27
N ASP B 184 10.16 -20.05 3.03
CA ASP B 184 11.05 -21.19 2.98
C ASP B 184 10.72 -22.02 1.77
N PHE B 185 11.72 -22.72 1.25
CA PHE B 185 11.45 -23.65 0.17
C PHE B 185 12.26 -24.94 0.30
N SER B 186 11.80 -26.00 -0.36
CA SER B 186 12.56 -27.25 -0.40
C SER B 186 12.26 -27.96 -1.69
N ALA B 187 13.13 -28.88 -2.06
CA ALA B 187 12.90 -29.69 -3.23
C ALA B 187 13.53 -31.04 -2.97
N PRO B 188 12.91 -32.13 -3.47
CA PRO B 188 13.50 -33.44 -3.31
C PRO B 188 14.63 -33.68 -4.33
N ILE B 189 15.68 -34.33 -3.85
CA ILE B 189 16.78 -34.72 -4.71
C ILE B 189 16.73 -36.25 -4.80
N THR B 190 16.84 -36.78 -6.01
CA THR B 190 16.89 -38.23 -6.20
C THR B 190 18.10 -38.57 -7.03
N VAL B 191 18.63 -39.76 -6.82
CA VAL B 191 19.70 -40.28 -7.63
C VAL B 191 19.22 -41.57 -8.30
N ASP B 192 19.38 -41.64 -9.62
CA ASP B 192 19.03 -42.84 -10.35
C ASP B 192 20.00 -43.08 -11.49
N GLY B 193 19.88 -44.23 -12.16
CA GLY B 193 20.86 -44.63 -13.14
C GLY B 193 21.79 -45.69 -12.57
N TYR B 194 23.01 -45.73 -13.10
CA TYR B 194 23.90 -46.88 -12.94
C TYR B 194 25.31 -46.55 -12.48
N PHE B 195 25.92 -47.52 -11.78
CA PHE B 195 27.38 -47.58 -11.62
C PHE B 195 27.93 -48.77 -12.39
N GLY B 196 29.21 -48.73 -12.72
CA GLY B 196 29.89 -49.85 -13.34
C GLY B 196 31.05 -50.37 -12.50
N ALA B 197 31.41 -51.63 -12.74
CA ALA B 197 32.55 -52.24 -12.10
C ALA B 197 33.23 -53.19 -13.08
N ASN B 198 34.56 -53.22 -13.02
CA ASN B 198 35.37 -54.17 -13.78
C ASN B 198 36.11 -55.10 -12.82
N PHE B 199 36.04 -56.39 -13.11
CA PHE B 199 36.53 -57.43 -12.22
C PHE B 199 37.81 -58.08 -12.74
N PRO B 200 38.60 -58.71 -11.84
CA PRO B 200 39.86 -59.36 -12.25
C PRO B 200 39.62 -60.67 -13.02
N LYS B 201 38.39 -61.15 -12.99
CA LYS B 201 37.97 -62.35 -13.71
C LYS B 201 36.48 -62.25 -14.05
N ARG B 202 36.00 -63.18 -14.88
CA ARG B 202 34.58 -63.27 -15.25
C ARG B 202 33.73 -63.57 -14.03
N VAL B 203 32.72 -62.72 -13.78
CA VAL B 203 31.78 -62.93 -12.68
C VAL B 203 30.32 -62.85 -13.17
N GLY B 204 29.38 -63.24 -12.32
CA GLY B 204 27.96 -63.14 -12.66
C GLY B 204 27.45 -64.17 -13.67
N PRO B 205 26.16 -64.08 -14.03
CA PRO B 205 25.54 -64.97 -15.02
C PRO B 205 26.10 -64.71 -16.42
N GLY B 206 26.59 -65.77 -17.07
CA GLY B 206 27.24 -65.65 -18.37
C GLY B 206 28.74 -65.48 -18.30
N GLY B 207 29.26 -65.07 -17.13
CA GLY B 207 30.69 -64.86 -16.93
C GLY B 207 31.19 -63.62 -17.65
N HIS B 208 31.07 -62.46 -17.02
CA HIS B 208 31.49 -61.19 -17.61
C HIS B 208 32.46 -60.40 -16.72
N TYR B 209 33.38 -59.68 -17.35
CA TYR B 209 34.30 -58.78 -16.68
C TYR B 209 33.64 -57.47 -16.24
N PHE B 210 32.72 -56.94 -17.05
CA PHE B 210 32.10 -55.63 -16.83
C PHE B 210 30.64 -55.76 -16.42
N TRP B 211 30.25 -55.06 -15.36
CA TRP B 211 28.88 -55.09 -14.84
C TRP B 211 28.38 -53.68 -14.46
N PHE B 212 27.09 -53.45 -14.70
CA PHE B 212 26.44 -52.20 -14.38
C PHE B 212 25.24 -52.50 -13.51
N ASN B 213 25.15 -51.78 -12.40
CA ASN B 213 24.08 -51.98 -11.44
C ASN B 213 23.39 -50.66 -11.14
N PRO B 214 22.05 -50.70 -10.94
CA PRO B 214 21.37 -49.47 -10.53
C PRO B 214 22.06 -48.87 -9.30
N ALA B 215 22.08 -47.55 -9.21
CA ALA B 215 22.64 -46.82 -8.06
C ALA B 215 22.12 -47.30 -6.71
N ARG B 216 20.83 -47.60 -6.63
CA ARG B 216 20.19 -48.08 -5.39
C ARG B 216 20.78 -49.40 -4.86
N ASP B 217 21.38 -50.20 -5.74
CA ASP B 217 22.03 -51.45 -5.35
C ASP B 217 23.38 -51.25 -4.67
N VAL B 218 24.01 -50.10 -4.90
CA VAL B 218 25.41 -49.89 -4.49
C VAL B 218 25.67 -48.70 -3.55
N LEU B 219 24.68 -47.84 -3.41
CA LEU B 219 24.77 -46.67 -2.53
C LEU B 219 23.90 -46.91 -1.31
N ASN B 220 24.30 -46.30 -0.21
CA ASN B 220 23.55 -46.42 1.05
C ASN B 220 22.19 -45.75 0.97
N THR B 221 22.12 -44.70 0.15
CA THR B 221 20.89 -43.92 -0.05
C THR B 221 20.92 -43.31 -1.45
N THR B 222 19.74 -42.94 -1.96
CA THR B 222 19.59 -42.34 -3.28
C THR B 222 18.68 -41.10 -3.26
N SER B 223 18.45 -40.54 -2.09
CA SER B 223 17.70 -39.29 -2.00
C SER B 223 18.32 -38.29 -1.05
N GLY B 224 17.99 -37.01 -1.25
CA GLY B 224 18.49 -35.92 -0.44
C GLY B 224 17.46 -34.82 -0.50
N THR B 225 17.79 -33.66 0.07
CA THR B 225 16.85 -32.54 0.15
C THR B 225 17.54 -31.20 -0.08
N LEU B 226 16.96 -30.39 -0.96
CA LEU B 226 17.39 -29.03 -1.15
C LEU B 226 16.54 -28.15 -0.23
N ARG B 227 17.19 -27.21 0.46
CA ARG B 227 16.46 -26.26 1.31
C ARG B 227 16.94 -24.84 1.03
N GLY B 228 16.11 -23.85 1.38
CA GLY B 228 16.46 -22.44 1.27
C GLY B 228 15.36 -21.52 1.74
N THR B 229 15.64 -20.22 1.63
CA THR B 229 14.72 -19.15 1.99
C THR B 229 14.83 -18.02 0.97
N VAL B 230 13.70 -17.42 0.62
CA VAL B 230 13.70 -16.15 -0.12
C VAL B 230 13.05 -15.09 0.78
N THR B 231 13.76 -13.97 0.96
CA THR B 231 13.38 -12.94 1.91
C THR B 231 13.37 -11.58 1.22
N ASN B 232 12.25 -10.87 1.37
CA ASN B 232 12.09 -9.53 0.80
C ASN B 232 11.91 -8.50 1.87
N VAL B 233 12.64 -7.39 1.73
CA VAL B 233 12.50 -6.25 2.62
C VAL B 233 12.17 -5.01 1.78
N SER B 234 10.96 -4.50 1.95
CA SER B 234 10.54 -3.33 1.18
C SER B 234 9.71 -2.32 1.98
N SER B 235 9.66 -1.09 1.46
CA SER B 235 8.89 0.00 2.05
C SER B 235 7.56 0.13 1.34
N PHE B 236 6.54 0.55 2.09
CA PHE B 236 5.19 0.72 1.57
C PHE B 236 4.44 1.65 2.51
N ASP B 237 3.23 2.04 2.11
CA ASP B 237 2.37 2.91 2.92
C ASP B 237 3.00 4.27 3.30
N PHE B 238 3.64 4.89 2.31
CA PHE B 238 4.23 6.23 2.41
C PHE B 238 3.19 7.28 2.83
N GLN B 239 3.60 8.12 3.77
CA GLN B 239 2.74 9.15 4.32
C GLN B 239 3.54 10.41 4.59
N THR B 240 2.86 11.54 4.52
CA THR B 240 3.34 12.81 5.00
C THR B 240 2.73 13.13 6.36
N ILE B 241 3.59 13.45 7.33
CA ILE B 241 3.17 13.95 8.63
C ILE B 241 3.67 15.37 8.81
N VAL B 242 2.75 16.30 9.03
CA VAL B 242 3.11 17.66 9.44
C VAL B 242 2.86 17.76 10.94
N GLN B 243 3.90 18.08 11.70
CA GLN B 243 3.78 18.11 13.16
C GLN B 243 3.42 19.49 13.75
N PRO B 244 2.96 19.53 15.02
CA PRO B 244 2.60 20.82 15.61
C PRO B 244 3.82 21.73 15.82
N ALA B 245 3.59 23.05 15.73
CA ALA B 245 4.64 24.06 15.87
C ALA B 245 5.25 24.12 17.28
N ARG B 246 6.56 24.39 17.35
CA ARG B 246 7.25 24.65 18.63
C ARG B 246 8.06 25.96 18.59
N SER B 247 7.93 26.75 19.66
CA SER B 247 8.61 28.05 19.82
C SER B 247 10.11 28.04 19.50
N LEU B 248 10.59 29.16 18.95
CA LEU B 248 11.96 29.35 18.42
C LEU B 248 11.95 29.61 16.91
#